data_1N69
#
_entry.id   1N69
#
_cell.length_a   72.140
_cell.length_b   72.140
_cell.length_c   94.366
_cell.angle_alpha   90.00
_cell.angle_beta   90.00
_cell.angle_gamma   120.00
#
_symmetry.space_group_name_H-M   'P 31 2 1'
#
loop_
_entity.id
_entity.type
_entity.pdbx_description
1 polymer 'SAPOSIN B'
2 non-polymer 1,2-Distearoyl-sn-glycerophosphoethanolamine
3 water water
#
_entity_poly.entity_id   1
_entity_poly.type   'polypeptide(L)'
_entity_poly.pdbx_seq_one_letter_code
;MDGDVCQDCIQMVTDIQTAVRTNSTFVQALVEHVKEECDRLGPGMADICKNYISQYSEIAIQMMMHMQPKEICALVGFCD
E
;
_entity_poly.pdbx_strand_id   A,B,C
#
# COMPACT_ATOMS: atom_id res chain seq x y z
N GLY A 3 -3.02 0.28 -13.24
CA GLY A 3 -4.42 -0.26 -13.23
C GLY A 3 -4.84 -0.57 -11.81
N ASP A 4 -4.49 -1.75 -11.32
CA ASP A 4 -4.80 -2.10 -9.95
C ASP A 4 -3.77 -1.33 -9.14
N VAL A 5 -2.58 -1.16 -9.71
CA VAL A 5 -1.55 -0.41 -9.00
C VAL A 5 -1.94 1.08 -8.91
N CYS A 6 -2.54 1.63 -9.96
CA CYS A 6 -2.97 3.04 -9.94
C CYS A 6 -4.09 3.22 -8.89
N GLN A 7 -5.06 2.31 -8.90
CA GLN A 7 -6.18 2.31 -7.96
C GLN A 7 -5.70 2.12 -6.52
N ASP A 8 -4.73 1.23 -6.35
CA ASP A 8 -4.19 0.99 -5.02
C ASP A 8 -3.43 2.24 -4.56
N CYS A 9 -2.76 2.91 -5.48
CA CYS A 9 -2.04 4.13 -5.10
C CYS A 9 -3.05 5.23 -4.74
N ILE A 10 -4.08 5.39 -5.56
CA ILE A 10 -5.11 6.39 -5.30
C ILE A 10 -5.79 6.16 -3.94
N GLN A 11 -6.06 4.89 -3.62
CA GLN A 11 -6.69 4.57 -2.34
C GLN A 11 -5.77 4.90 -1.16
N MET A 12 -4.49 4.55 -1.29
CA MET A 12 -3.53 4.83 -0.23
C MET A 12 -3.41 6.35 0.00
N VAL A 13 -3.29 7.11 -1.07
CA VAL A 13 -3.19 8.57 -0.95
C VAL A 13 -4.45 9.15 -0.29
N THR A 14 -5.61 8.67 -0.73
CA THR A 14 -6.89 9.10 -0.19
C THR A 14 -6.97 8.87 1.30
N ASP A 15 -6.57 7.68 1.74
CA ASP A 15 -6.63 7.36 3.15
C ASP A 15 -5.58 8.10 3.98
N ILE A 16 -4.43 8.41 3.37
CA ILE A 16 -3.39 9.15 4.07
C ILE A 16 -3.91 10.59 4.25
N GLN A 17 -4.51 11.15 3.21
CA GLN A 17 -5.08 12.51 3.31
C GLN A 17 -6.11 12.57 4.43
N THR A 18 -6.92 11.51 4.55
CA THR A 18 -7.94 11.42 5.58
C THR A 18 -7.33 11.35 6.98
N ALA A 19 -6.25 10.59 7.12
CA ALA A 19 -5.58 10.45 8.41
C ALA A 19 -4.92 11.77 8.80
N VAL A 20 -4.30 12.42 7.83
CA VAL A 20 -3.61 13.68 8.05
C VAL A 20 -4.59 14.77 8.51
N ARG A 21 -5.78 14.75 7.93
CA ARG A 21 -6.80 15.73 8.24
C ARG A 21 -7.62 15.42 9.49
N THR A 22 -7.66 14.16 9.91
CA THR A 22 -8.46 13.78 11.06
C THR A 22 -7.71 13.15 12.23
N ASN A 23 -6.41 12.94 12.07
CA ASN A 23 -5.60 12.32 13.13
C ASN A 23 -4.42 13.24 13.40
N SER A 24 -4.58 14.13 14.37
CA SER A 24 -3.55 15.11 14.73
C SER A 24 -2.21 14.50 15.15
N THR A 25 -2.19 13.18 15.34
CA THR A 25 -0.97 12.48 15.76
C THR A 25 -0.27 11.75 14.60
N PHE A 26 -1.03 11.46 13.54
CA PHE A 26 -0.54 10.72 12.38
C PHE A 26 0.82 11.14 11.81
N VAL A 27 0.90 12.36 11.28
CA VAL A 27 2.13 12.85 10.67
C VAL A 27 3.33 12.80 11.60
N GLN A 28 3.19 13.37 12.80
CA GLN A 28 4.30 13.38 13.76
C GLN A 28 4.80 11.97 14.05
N ALA A 29 3.88 11.07 14.39
CA ALA A 29 4.26 9.70 14.72
C ALA A 29 4.99 9.04 13.55
N LEU A 30 4.58 9.35 12.32
CA LEU A 30 5.21 8.77 11.13
C LEU A 30 6.60 9.33 10.88
N VAL A 31 6.75 10.66 10.99
CA VAL A 31 8.04 11.28 10.77
C VAL A 31 9.02 10.81 11.85
N GLU A 32 8.55 10.76 13.08
CA GLU A 32 9.40 10.33 14.20
C GLU A 32 9.87 8.89 14.00
N HIS A 33 8.98 8.03 13.49
CA HIS A 33 9.35 6.64 13.26
C HIS A 33 10.39 6.51 12.13
N VAL A 34 10.21 7.28 11.06
CA VAL A 34 11.14 7.22 9.95
C VAL A 34 12.50 7.77 10.33
N LYS A 35 12.51 8.83 11.11
CA LYS A 35 13.77 9.43 11.55
C LYS A 35 14.58 8.44 12.36
N GLU A 36 13.88 7.59 13.10
CA GLU A 36 14.54 6.56 13.90
C GLU A 36 15.20 5.50 13.00
N GLU A 37 14.56 5.20 11.88
CA GLU A 37 15.09 4.20 10.94
C GLU A 37 16.30 4.78 10.23
N CYS A 38 16.35 6.11 10.17
CA CYS A 38 17.47 6.81 9.55
C CYS A 38 18.79 6.44 10.24
N ASP A 39 18.73 6.09 11.53
CA ASP A 39 19.93 5.73 12.27
C ASP A 39 20.66 4.56 11.63
N ARG A 40 19.92 3.76 10.86
CA ARG A 40 20.51 2.62 10.17
C ARG A 40 21.65 3.05 9.24
N LEU A 41 21.62 4.31 8.82
CA LEU A 41 22.65 4.85 7.94
C LEU A 41 23.98 5.17 8.65
N GLY A 42 23.98 5.09 9.98
CA GLY A 42 25.18 5.36 10.74
C GLY A 42 25.55 6.81 10.88
N PRO A 43 26.55 7.13 11.72
CA PRO A 43 27.02 8.51 11.97
C PRO A 43 27.32 9.30 10.70
N GLY A 44 26.87 10.54 10.69
CA GLY A 44 27.05 11.39 9.54
C GLY A 44 25.82 11.35 8.67
N MET A 45 25.67 10.27 7.90
CA MET A 45 24.55 10.11 7.00
C MET A 45 23.17 10.02 7.66
N ALA A 46 23.12 9.44 8.86
CA ALA A 46 21.84 9.31 9.58
C ALA A 46 21.13 10.65 9.76
N ASP A 47 21.85 11.64 10.30
CA ASP A 47 21.24 12.95 10.54
C ASP A 47 20.84 13.69 9.28
N ILE A 48 21.47 13.38 8.15
CA ILE A 48 21.09 14.04 6.91
C ILE A 48 19.74 13.45 6.49
N CYS A 49 19.63 12.13 6.64
CA CYS A 49 18.41 11.40 6.32
C CYS A 49 17.27 11.95 7.17
N LYS A 50 17.56 12.27 8.43
CA LYS A 50 16.55 12.81 9.32
C LYS A 50 16.05 14.17 8.81
N ASN A 51 16.98 15.02 8.38
CA ASN A 51 16.61 16.33 7.86
C ASN A 51 15.78 16.12 6.60
N TYR A 52 16.23 15.21 5.74
CA TYR A 52 15.54 14.88 4.49
C TYR A 52 14.08 14.52 4.75
N ILE A 53 13.86 13.65 5.73
CA ILE A 53 12.52 13.19 6.08
C ILE A 53 11.70 14.35 6.60
N SER A 54 12.34 15.20 7.37
CA SER A 54 11.68 16.36 7.95
C SER A 54 11.21 17.27 6.81
N GLN A 55 12.09 17.47 5.83
CA GLN A 55 11.77 18.30 4.69
C GLN A 55 10.74 17.67 3.77
N TYR A 56 10.88 16.38 3.51
CA TYR A 56 9.96 15.69 2.63
C TYR A 56 8.53 15.65 3.14
N SER A 57 8.37 15.47 4.45
CA SER A 57 7.04 15.40 5.06
C SER A 57 6.29 16.71 4.90
N GLU A 58 7.00 17.83 5.03
CA GLU A 58 6.40 19.15 4.88
C GLU A 58 5.80 19.32 3.49
N ILE A 59 6.61 19.03 2.48
CA ILE A 59 6.17 19.16 1.10
C ILE A 59 5.18 18.10 0.67
N ALA A 60 5.29 16.90 1.23
CA ALA A 60 4.37 15.82 0.89
C ALA A 60 2.99 16.20 1.40
N ILE A 61 2.93 16.67 2.64
CA ILE A 61 1.68 17.07 3.25
C ILE A 61 1.12 18.28 2.50
N GLN A 62 2.03 19.09 1.99
CA GLN A 62 1.67 20.29 1.25
C GLN A 62 1.11 19.94 -0.13
N MET A 63 1.80 19.09 -0.88
CA MET A 63 1.33 18.73 -2.23
C MET A 63 0.12 17.82 -2.17
N MET A 64 -0.03 17.13 -1.04
CA MET A 64 -1.14 16.22 -0.87
C MET A 64 -2.38 16.96 -0.40
N MET A 65 -2.16 18.08 0.29
CA MET A 65 -3.24 18.91 0.81
C MET A 65 -3.71 19.86 -0.29
N HIS A 66 -3.05 19.79 -1.45
CA HIS A 66 -3.35 20.66 -2.58
C HIS A 66 -3.65 19.93 -3.90
N MET A 67 -3.23 18.68 -4.02
CA MET A 67 -3.43 17.91 -5.24
C MET A 67 -4.40 16.74 -5.05
N GLN A 68 -4.89 16.20 -6.17
CA GLN A 68 -5.81 15.06 -6.12
C GLN A 68 -4.97 13.78 -6.12
N PRO A 69 -5.46 12.73 -5.45
CA PRO A 69 -4.69 11.47 -5.41
C PRO A 69 -4.21 10.93 -6.75
N LYS A 70 -5.04 10.97 -7.78
CA LYS A 70 -4.58 10.46 -9.07
C LYS A 70 -3.36 11.22 -9.58
N GLU A 71 -3.35 12.54 -9.38
CA GLU A 71 -2.24 13.36 -9.84
C GLU A 71 -0.99 13.10 -9.01
N ILE A 72 -1.16 12.93 -7.71
CA ILE A 72 -0.03 12.62 -6.85
C ILE A 72 0.57 11.29 -7.29
N CYS A 73 -0.29 10.32 -7.59
CA CYS A 73 0.17 9.01 -8.02
C CYS A 73 0.87 9.05 -9.37
N ALA A 74 0.37 9.89 -10.28
CA ALA A 74 0.97 10.01 -11.61
C ALA A 74 2.39 10.57 -11.47
N LEU A 75 2.57 11.43 -10.47
CA LEU A 75 3.86 12.03 -10.18
C LEU A 75 4.94 10.94 -10.09
N VAL A 76 4.68 9.88 -9.33
CA VAL A 76 5.64 8.80 -9.16
C VAL A 76 5.49 7.62 -10.11
N GLY A 77 4.74 7.80 -11.18
CA GLY A 77 4.55 6.74 -12.16
C GLY A 77 3.66 5.56 -11.80
N PHE A 78 2.77 5.71 -10.83
CA PHE A 78 1.87 4.62 -10.45
C PHE A 78 0.53 4.73 -11.20
N CYS A 79 0.23 5.93 -11.70
CA CYS A 79 -0.97 6.16 -12.49
C CYS A 79 -0.58 6.78 -13.82
N ASP A 80 -1.41 6.57 -14.83
CA ASP A 80 -1.17 7.11 -16.17
C ASP A 80 0.02 6.41 -16.83
N MET B 1 -14.35 5.11 -1.10
CA MET B 1 -13.86 4.08 -0.14
C MET B 1 -12.99 4.73 0.92
N ASP B 2 -13.27 4.45 2.18
CA ASP B 2 -12.45 4.95 3.27
C ASP B 2 -11.73 3.71 3.77
N GLY B 3 -10.45 3.61 3.47
CA GLY B 3 -9.69 2.44 3.87
C GLY B 3 -8.73 2.61 5.02
N ASP B 4 -7.91 1.59 5.22
CA ASP B 4 -6.91 1.57 6.27
C ASP B 4 -5.50 1.77 5.67
N VAL B 5 -4.79 2.79 6.14
CA VAL B 5 -3.45 3.07 5.62
C VAL B 5 -2.48 1.88 5.64
N CYS B 6 -2.45 1.12 6.73
CA CYS B 6 -1.56 -0.02 6.81
C CYS B 6 -1.90 -1.07 5.73
N GLN B 7 -3.18 -1.41 5.59
CA GLN B 7 -3.59 -2.37 4.58
C GLN B 7 -3.32 -1.79 3.19
N ASP B 8 -3.59 -0.49 3.01
CA ASP B 8 -3.31 0.15 1.71
C ASP B 8 -1.82 -0.02 1.38
N CYS B 9 -0.97 0.22 2.38
CA CYS B 9 0.46 0.10 2.14
C CYS B 9 0.85 -1.34 1.76
N ILE B 10 0.30 -2.32 2.48
CA ILE B 10 0.62 -3.70 2.19
C ILE B 10 0.23 -4.08 0.77
N GLN B 11 -0.98 -3.69 0.37
CA GLN B 11 -1.47 -4.00 -0.97
C GLN B 11 -0.60 -3.30 -2.02
N MET B 12 -0.32 -2.02 -1.78
CA MET B 12 0.48 -1.19 -2.67
C MET B 12 1.86 -1.80 -2.87
N VAL B 13 2.53 -2.15 -1.79
CA VAL B 13 3.87 -2.72 -1.92
C VAL B 13 3.78 -4.08 -2.64
N THR B 14 2.73 -4.84 -2.37
CA THR B 14 2.53 -6.14 -3.02
C THR B 14 2.41 -5.90 -4.54
N ASP B 15 1.66 -4.88 -4.95
CA ASP B 15 1.50 -4.56 -6.38
C ASP B 15 2.81 -4.13 -7.02
N ILE B 16 3.56 -3.31 -6.29
CA ILE B 16 4.83 -2.82 -6.81
C ILE B 16 5.81 -3.94 -7.05
N GLN B 17 5.90 -4.88 -6.11
CA GLN B 17 6.82 -6.00 -6.24
C GLN B 17 6.43 -6.84 -7.45
N THR B 18 5.13 -6.94 -7.68
CA THR B 18 4.59 -7.68 -8.81
C THR B 18 4.93 -6.95 -10.11
N ALA B 19 4.75 -5.62 -10.12
CA ALA B 19 5.04 -4.82 -11.31
C ALA B 19 6.53 -4.78 -11.64
N VAL B 20 7.38 -4.78 -10.62
CA VAL B 20 8.83 -4.76 -10.83
C VAL B 20 9.29 -6.08 -11.46
N ARG B 21 8.72 -7.21 -11.02
CA ARG B 21 9.10 -8.52 -11.59
C ARG B 21 8.73 -8.56 -13.08
N THR B 22 7.58 -8.00 -13.41
CA THR B 22 7.11 -7.95 -14.78
C THR B 22 8.05 -7.05 -15.57
N ASN B 23 8.34 -5.88 -15.04
CA ASN B 23 9.25 -4.93 -15.69
C ASN B 23 10.06 -4.17 -14.64
N SER B 24 11.35 -4.49 -14.54
CA SER B 24 12.23 -3.89 -13.56
C SER B 24 12.39 -2.36 -13.60
N THR B 25 11.82 -1.71 -14.62
CA THR B 25 11.92 -0.25 -14.71
C THR B 25 10.74 0.45 -14.03
N PHE B 26 9.81 -0.32 -13.48
CA PHE B 26 8.61 0.25 -12.86
C PHE B 26 8.80 1.34 -11.79
N VAL B 27 9.79 1.19 -10.91
CA VAL B 27 10.01 2.17 -9.86
C VAL B 27 10.91 3.36 -10.23
N GLN B 28 11.26 3.47 -11.51
CA GLN B 28 12.12 4.55 -11.97
C GLN B 28 11.63 5.93 -11.56
N ALA B 29 10.37 6.25 -11.89
CA ALA B 29 9.81 7.56 -11.56
C ALA B 29 9.87 7.85 -10.06
N LEU B 30 9.62 6.83 -9.24
CA LEU B 30 9.65 7.00 -7.79
C LEU B 30 11.07 7.35 -7.32
N VAL B 31 12.07 6.66 -7.87
CA VAL B 31 13.45 6.92 -7.49
C VAL B 31 13.85 8.35 -7.90
N GLU B 32 13.47 8.77 -9.10
CA GLU B 32 13.78 10.11 -9.58
C GLU B 32 13.13 11.14 -8.68
N HIS B 33 11.92 10.83 -8.21
CA HIS B 33 11.19 11.73 -7.32
C HIS B 33 11.91 11.89 -5.98
N VAL B 34 12.41 10.78 -5.44
CA VAL B 34 13.12 10.81 -4.15
C VAL B 34 14.40 11.63 -4.27
N LYS B 35 15.13 11.40 -5.35
CA LYS B 35 16.37 12.10 -5.62
C LYS B 35 16.13 13.61 -5.80
N GLU B 36 15.04 13.96 -6.49
CA GLU B 36 14.71 15.36 -6.74
C GLU B 36 14.40 16.13 -5.46
N GLU B 37 13.75 15.48 -4.50
CA GLU B 37 13.41 16.16 -3.26
C GLU B 37 14.63 16.38 -2.38
N CYS B 38 15.79 15.95 -2.88
CA CYS B 38 17.04 16.13 -2.18
C CYS B 38 17.31 17.64 -2.10
N ASP B 39 16.76 18.38 -3.05
CA ASP B 39 16.93 19.83 -3.13
C ASP B 39 16.37 20.56 -1.90
N ARG B 40 15.44 19.93 -1.20
CA ARG B 40 14.84 20.54 -0.02
C ARG B 40 15.84 20.65 1.13
N LEU B 41 16.98 19.98 0.98
CA LEU B 41 18.03 19.99 1.99
C LEU B 41 18.89 21.24 1.84
N GLY B 42 18.64 21.98 0.76
CA GLY B 42 19.40 23.19 0.49
C GLY B 42 20.67 22.91 -0.27
N PRO B 43 21.46 23.95 -0.56
CA PRO B 43 22.72 23.79 -1.30
C PRO B 43 23.75 23.01 -0.49
N GLY B 44 24.48 22.13 -1.16
CA GLY B 44 25.49 21.33 -0.49
C GLY B 44 25.00 19.94 -0.17
N MET B 45 24.03 19.83 0.73
CA MET B 45 23.48 18.55 1.12
C MET B 45 22.73 17.90 -0.04
N ALA B 46 22.04 18.72 -0.82
CA ALA B 46 21.28 18.24 -1.97
C ALA B 46 22.16 17.35 -2.84
N ASP B 47 23.44 17.69 -2.90
CA ASP B 47 24.41 16.94 -3.70
C ASP B 47 24.84 15.64 -3.02
N ILE B 48 24.95 15.67 -1.70
CA ILE B 48 25.33 14.48 -0.92
C ILE B 48 24.21 13.45 -1.01
N CYS B 49 22.99 13.94 -0.93
CA CYS B 49 21.77 13.14 -0.98
C CYS B 49 21.56 12.50 -2.38
N LYS B 50 21.58 13.32 -3.42
CA LYS B 50 21.41 12.82 -4.78
C LYS B 50 22.41 11.72 -5.14
N ASN B 51 23.66 11.92 -4.75
CA ASN B 51 24.71 10.96 -5.03
C ASN B 51 24.54 9.69 -4.21
N TYR B 52 24.03 9.84 -2.98
CA TYR B 52 23.81 8.71 -2.09
C TYR B 52 22.71 7.83 -2.68
N ILE B 53 21.56 8.43 -2.94
CA ILE B 53 20.43 7.71 -3.52
C ILE B 53 20.88 7.07 -4.83
N SER B 54 21.53 7.87 -5.67
CA SER B 54 22.02 7.39 -6.96
C SER B 54 22.94 6.19 -6.77
N GLN B 55 23.66 6.16 -5.66
CA GLN B 55 24.57 5.05 -5.38
C GLN B 55 23.89 3.77 -4.91
N TYR B 56 22.92 3.91 -4.00
CA TYR B 56 22.25 2.75 -3.43
C TYR B 56 20.83 2.42 -3.88
N SER B 57 20.28 3.17 -4.83
CA SER B 57 18.91 2.91 -5.28
C SER B 57 18.74 1.46 -5.75
N GLU B 58 19.64 1.00 -6.62
CA GLU B 58 19.58 -0.36 -7.13
C GLU B 58 19.64 -1.38 -6.01
N ILE B 59 20.53 -1.15 -5.04
CA ILE B 59 20.67 -2.05 -3.90
C ILE B 59 19.44 -1.99 -3.01
N ALA B 60 18.88 -0.81 -2.85
CA ALA B 60 17.69 -0.61 -2.03
C ALA B 60 16.51 -1.35 -2.65
N ILE B 61 16.39 -1.24 -3.99
CA ILE B 61 15.32 -1.91 -4.72
C ILE B 61 15.47 -3.41 -4.57
N GLN B 62 16.70 -3.90 -4.63
CA GLN B 62 16.98 -5.33 -4.49
C GLN B 62 16.59 -5.83 -3.10
N MET B 63 16.96 -5.06 -2.07
CA MET B 63 16.64 -5.44 -0.70
C MET B 63 15.13 -5.53 -0.51
N MET B 64 14.43 -4.48 -0.92
CA MET B 64 12.98 -4.44 -0.78
C MET B 64 12.29 -5.54 -1.59
N MET B 65 12.90 -5.96 -2.70
CA MET B 65 12.30 -7.02 -3.48
C MET B 65 12.42 -8.37 -2.77
N HIS B 66 13.21 -8.42 -1.69
CA HIS B 66 13.37 -9.66 -0.92
C HIS B 66 12.70 -9.55 0.44
N MET B 67 12.12 -8.39 0.72
CA MET B 67 11.43 -8.16 1.97
C MET B 67 9.93 -8.37 1.76
N GLN B 68 9.24 -8.73 2.84
CA GLN B 68 7.81 -8.93 2.78
C GLN B 68 7.14 -7.55 2.85
N PRO B 69 6.08 -7.33 2.06
CA PRO B 69 5.39 -6.04 2.07
C PRO B 69 5.10 -5.47 3.45
N LYS B 70 4.62 -6.30 4.38
CA LYS B 70 4.31 -5.85 5.75
C LYS B 70 5.57 -5.36 6.46
N GLU B 71 6.67 -6.05 6.20
CA GLU B 71 7.96 -5.71 6.78
C GLU B 71 8.36 -4.34 6.25
N ILE B 72 8.17 -4.12 4.95
CA ILE B 72 8.50 -2.85 4.32
C ILE B 72 7.63 -1.73 4.89
N CYS B 73 6.34 -2.00 5.01
CA CYS B 73 5.40 -1.02 5.53
C CYS B 73 5.62 -0.71 7.02
N ALA B 74 6.14 -1.69 7.76
CA ALA B 74 6.44 -1.51 9.17
C ALA B 74 7.66 -0.60 9.27
N LEU B 75 8.64 -0.87 8.41
CA LEU B 75 9.85 -0.07 8.38
C LEU B 75 9.56 1.40 8.15
N VAL B 76 8.78 1.70 7.12
CA VAL B 76 8.43 3.08 6.76
C VAL B 76 7.42 3.75 7.69
N GLY B 77 6.78 2.98 8.55
CA GLY B 77 5.84 3.58 9.50
C GLY B 77 4.35 3.56 9.20
N PHE B 78 3.92 2.90 8.13
CA PHE B 78 2.50 2.84 7.82
C PHE B 78 1.77 1.70 8.52
N CYS B 79 2.52 0.73 9.03
CA CYS B 79 1.94 -0.39 9.75
C CYS B 79 2.55 -0.50 11.14
N ASP B 80 1.75 -1.01 12.07
CA ASP B 80 2.09 -1.21 13.48
C ASP B 80 1.54 -0.07 14.33
N GLY C 3 -16.18 -12.48 21.05
CA GLY C 3 -15.85 -13.84 21.54
C GLY C 3 -14.98 -14.62 20.58
N ASP C 4 -15.17 -15.94 20.56
CA ASP C 4 -14.42 -16.83 19.71
C ASP C 4 -14.70 -16.58 18.24
N VAL C 5 -15.98 -16.41 17.90
CA VAL C 5 -16.40 -16.17 16.53
C VAL C 5 -15.74 -14.93 15.95
N CYS C 6 -15.67 -13.86 16.74
CA CYS C 6 -15.05 -12.63 16.26
C CYS C 6 -13.56 -12.87 15.99
N GLN C 7 -12.86 -13.46 16.96
CA GLN C 7 -11.43 -13.74 16.75
C GLN C 7 -11.22 -14.71 15.59
N ASP C 8 -12.08 -15.73 15.48
CA ASP C 8 -12.03 -16.70 14.37
C ASP C 8 -12.14 -15.96 13.04
N CYS C 9 -13.04 -14.99 12.99
CA CYS C 9 -13.26 -14.24 11.77
C CYS C 9 -12.02 -13.40 11.43
N ILE C 10 -11.45 -12.75 12.44
CA ILE C 10 -10.27 -11.91 12.22
C ILE C 10 -9.13 -12.78 11.65
N GLN C 11 -8.91 -13.95 12.25
CA GLN C 11 -7.88 -14.87 11.79
C GLN C 11 -8.16 -15.35 10.38
N MET C 12 -9.40 -15.76 10.12
CA MET C 12 -9.76 -16.24 8.78
C MET C 12 -9.57 -15.15 7.73
N VAL C 13 -10.09 -13.95 7.98
CA VAL C 13 -9.93 -12.85 7.02
C VAL C 13 -8.45 -12.48 6.85
N THR C 14 -7.68 -12.55 7.92
CA THR C 14 -6.25 -12.25 7.82
C THR C 14 -5.60 -13.23 6.85
N ASP C 15 -5.95 -14.51 6.98
CA ASP C 15 -5.38 -15.53 6.14
C ASP C 15 -5.89 -15.46 4.70
N ILE C 16 -7.11 -14.95 4.51
CA ILE C 16 -7.66 -14.80 3.18
C ILE C 16 -6.92 -13.68 2.45
N GLN C 17 -6.63 -12.58 3.15
CA GLN C 17 -5.93 -11.48 2.51
C GLN C 17 -4.54 -11.95 2.07
N THR C 18 -3.92 -12.79 2.89
CA THR C 18 -2.61 -13.33 2.55
C THR C 18 -2.72 -14.18 1.29
N ALA C 19 -3.72 -15.06 1.23
CA ALA C 19 -3.88 -15.93 0.05
C ALA C 19 -4.16 -15.14 -1.23
N VAL C 20 -5.00 -14.11 -1.13
CA VAL C 20 -5.34 -13.27 -2.28
C VAL C 20 -4.10 -12.53 -2.79
N ARG C 21 -3.30 -12.03 -1.87
CA ARG C 21 -2.11 -11.30 -2.20
C ARG C 21 -0.93 -12.15 -2.73
N THR C 22 -0.86 -13.42 -2.33
CA THR C 22 0.25 -14.28 -2.72
C THR C 22 -0.05 -15.52 -3.57
N ASN C 23 -1.32 -15.86 -3.75
CA ASN C 23 -1.70 -17.03 -4.51
C ASN C 23 -2.61 -16.61 -5.66
N SER C 24 -2.06 -16.61 -6.87
CA SER C 24 -2.81 -16.20 -8.06
C SER C 24 -3.92 -17.19 -8.39
N THR C 25 -3.92 -18.32 -7.71
CA THR C 25 -4.90 -19.36 -7.97
C THR C 25 -6.11 -19.36 -7.01
N PHE C 26 -5.92 -18.82 -5.81
CA PHE C 26 -6.94 -18.81 -4.77
C PHE C 26 -8.33 -18.26 -5.12
N VAL C 27 -8.40 -17.03 -5.61
CA VAL C 27 -9.66 -16.40 -5.95
C VAL C 27 -10.42 -17.10 -7.09
N GLN C 28 -9.73 -17.35 -8.20
CA GLN C 28 -10.39 -18.03 -9.33
C GLN C 28 -10.99 -19.36 -8.91
N ALA C 29 -10.23 -20.17 -8.20
CA ALA C 29 -10.70 -21.48 -7.77
C ALA C 29 -11.94 -21.37 -6.88
N LEU C 30 -11.93 -20.38 -5.98
CA LEU C 30 -13.04 -20.15 -5.05
C LEU C 30 -14.31 -19.69 -5.78
N VAL C 31 -14.17 -18.67 -6.62
CA VAL C 31 -15.32 -18.16 -7.37
C VAL C 31 -15.94 -19.22 -8.28
N GLU C 32 -15.10 -19.94 -9.02
CA GLU C 32 -15.61 -20.97 -9.91
C GLU C 32 -16.31 -22.06 -9.13
N HIS C 33 -15.80 -22.38 -7.96
CA HIS C 33 -16.41 -23.40 -7.12
C HIS C 33 -17.84 -23.00 -6.73
N VAL C 34 -17.99 -21.76 -6.27
CA VAL C 34 -19.28 -21.24 -5.85
C VAL C 34 -20.24 -21.12 -7.04
N LYS C 35 -19.73 -20.70 -8.20
CA LYS C 35 -20.58 -20.59 -9.37
C LYS C 35 -21.19 -21.94 -9.72
N GLU C 36 -20.45 -23.02 -9.42
CA GLU C 36 -20.94 -24.36 -9.68
C GLU C 36 -22.23 -24.52 -8.89
N GLU C 37 -22.21 -24.05 -7.65
CA GLU C 37 -23.35 -24.13 -6.77
C GLU C 37 -24.60 -23.50 -7.35
N CYS C 38 -24.42 -22.46 -8.15
CA CYS C 38 -25.56 -21.79 -8.79
C CYS C 38 -26.45 -22.79 -9.53
N ASP C 39 -25.81 -23.65 -10.32
CA ASP C 39 -26.51 -24.66 -11.11
C ASP C 39 -27.69 -25.31 -10.41
N ARG C 40 -27.55 -25.53 -9.10
CA ARG C 40 -28.61 -26.17 -8.33
C ARG C 40 -29.94 -25.43 -8.32
N LEU C 41 -30.03 -24.31 -9.03
CA LEU C 41 -31.29 -23.56 -9.06
C LEU C 41 -31.94 -23.50 -10.45
N GLY C 42 -31.59 -24.46 -11.30
CA GLY C 42 -32.17 -24.51 -12.64
C GLY C 42 -31.58 -23.57 -13.67
N PRO C 43 -31.53 -24.01 -14.94
CA PRO C 43 -30.98 -23.21 -16.04
C PRO C 43 -31.68 -21.85 -16.17
N GLY C 44 -31.09 -20.96 -16.96
CA GLY C 44 -31.67 -19.64 -17.14
C GLY C 44 -31.47 -18.74 -15.94
N MET C 45 -31.87 -19.24 -14.77
CA MET C 45 -31.73 -18.51 -13.52
C MET C 45 -30.34 -18.71 -12.94
N ALA C 46 -29.79 -19.90 -13.15
CA ALA C 46 -28.46 -20.23 -12.63
C ALA C 46 -27.37 -19.42 -13.33
N ASP C 47 -27.60 -19.09 -14.58
CA ASP C 47 -26.62 -18.33 -15.35
C ASP C 47 -26.46 -16.91 -14.83
N ILE C 48 -27.56 -16.29 -14.39
CA ILE C 48 -27.47 -14.94 -13.87
C ILE C 48 -26.84 -15.00 -12.48
N CYS C 49 -27.16 -16.05 -11.73
CA CYS C 49 -26.61 -16.26 -10.39
C CYS C 49 -25.09 -16.28 -10.50
N LYS C 50 -24.57 -17.06 -11.44
CA LYS C 50 -23.13 -17.14 -11.64
C LYS C 50 -22.56 -15.77 -11.97
N ASN C 51 -23.29 -15.01 -12.79
CA ASN C 51 -22.87 -13.67 -13.18
C ASN C 51 -22.79 -12.78 -11.95
N TYR C 52 -23.80 -12.88 -11.08
CA TYR C 52 -23.84 -12.09 -9.86
C TYR C 52 -22.62 -12.41 -8.99
N ILE C 53 -22.36 -13.70 -8.83
CA ILE C 53 -21.24 -14.18 -8.03
C ILE C 53 -19.91 -13.68 -8.57
N SER C 54 -19.76 -13.68 -9.88
CA SER C 54 -18.54 -13.22 -10.52
C SER C 54 -18.37 -11.70 -10.38
N GLN C 55 -19.45 -10.96 -10.57
CA GLN C 55 -19.43 -9.50 -10.49
C GLN C 55 -19.25 -8.98 -9.07
N TYR C 56 -19.99 -9.55 -8.13
CA TYR C 56 -19.89 -9.10 -6.75
C TYR C 56 -18.66 -9.59 -6.00
N SER C 57 -18.14 -10.75 -6.36
CA SER C 57 -16.96 -11.26 -5.68
C SER C 57 -15.74 -10.41 -6.04
N GLU C 58 -15.64 -10.02 -7.31
CA GLU C 58 -14.52 -9.19 -7.75
C GLU C 58 -14.53 -7.85 -7.01
N ILE C 59 -15.71 -7.22 -6.93
CA ILE C 59 -15.85 -5.94 -6.26
C ILE C 59 -15.53 -6.04 -4.76
N ALA C 60 -16.07 -7.07 -4.12
CA ALA C 60 -15.86 -7.26 -2.68
C ALA C 60 -14.40 -7.53 -2.34
N ILE C 61 -13.77 -8.41 -3.10
CA ILE C 61 -12.38 -8.75 -2.85
C ILE C 61 -11.44 -7.55 -3.07
N GLN C 62 -11.70 -6.74 -4.09
CA GLN C 62 -10.88 -5.56 -4.35
C GLN C 62 -10.95 -4.60 -3.17
N MET C 63 -12.16 -4.37 -2.64
CA MET C 63 -12.35 -3.49 -1.52
C MET C 63 -11.75 -4.05 -0.22
N MET C 64 -11.89 -5.36 0.01
CA MET C 64 -11.38 -6.03 1.22
C MET C 64 -9.86 -5.88 1.41
N MET C 65 -9.13 -5.74 0.31
CA MET C 65 -7.69 -5.62 0.40
C MET C 65 -7.27 -4.25 0.96
N HIS C 66 -8.27 -3.42 1.27
CA HIS C 66 -7.99 -2.09 1.80
C HIS C 66 -8.59 -1.86 3.18
N MET C 67 -9.01 -2.96 3.80
CA MET C 67 -9.64 -2.89 5.11
C MET C 67 -8.95 -3.80 6.12
N GLN C 68 -9.00 -3.43 7.39
CA GLN C 68 -8.44 -4.27 8.44
C GLN C 68 -9.37 -5.47 8.62
N PRO C 69 -8.81 -6.66 8.93
CA PRO C 69 -9.66 -7.83 9.11
C PRO C 69 -10.82 -7.57 10.09
N LYS C 70 -10.53 -6.91 11.20
CA LYS C 70 -11.55 -6.61 12.21
C LYS C 70 -12.70 -5.81 11.61
N GLU C 71 -12.39 -4.82 10.78
CA GLU C 71 -13.43 -4.00 10.14
C GLU C 71 -14.26 -4.81 9.15
N ILE C 72 -13.64 -5.76 8.47
CA ILE C 72 -14.38 -6.59 7.53
C ILE C 72 -15.36 -7.47 8.32
N CYS C 73 -14.88 -7.99 9.45
CA CYS C 73 -15.71 -8.85 10.31
C CYS C 73 -16.84 -8.07 11.00
N ALA C 74 -16.59 -6.82 11.35
CA ALA C 74 -17.60 -5.99 11.99
C ALA C 74 -18.64 -5.61 10.93
N LEU C 75 -18.19 -5.56 9.68
CA LEU C 75 -19.07 -5.21 8.58
C LEU C 75 -20.10 -6.32 8.38
N VAL C 76 -19.60 -7.54 8.37
CA VAL C 76 -20.41 -8.74 8.18
C VAL C 76 -21.25 -9.05 9.43
N GLY C 77 -20.80 -8.57 10.57
CA GLY C 77 -21.53 -8.81 11.80
C GLY C 77 -20.95 -9.83 12.78
N PHE C 78 -19.77 -10.35 12.49
CA PHE C 78 -19.15 -11.33 13.38
C PHE C 78 -18.39 -10.69 14.54
N CYS C 79 -18.06 -9.42 14.39
CA CYS C 79 -17.34 -8.69 15.43
C CYS C 79 -18.08 -7.40 15.76
N ASP C 80 -17.79 -6.87 16.95
CA ASP C 80 -18.34 -5.62 17.51
C ASP C 80 -19.23 -5.86 18.74
#